data_5SL1
#
_entry.id   5SL1
#
_cell.length_a   68.247
_cell.length_b   67.418
_cell.length_c   138.738
_cell.angle_alpha   90.000
_cell.angle_beta   90.000
_cell.angle_gamma   90.000
#
_symmetry.space_group_name_H-M   'P 21 21 21'
#
loop_
_entity.id
_entity.type
_entity.pdbx_description
1 polymer 'Proofreading exoribonuclease nsp14'
2 non-polymer 'ZINC ION'
3 non-polymer 'PHOSPHATE ION'
4 non-polymer N-methyl-1H-indole-7-carboxamide
5 water water
#
_entity_poly.entity_id   1
_entity_poly.type   'polypeptide(L)'
_entity_poly.pdbx_seq_one_letter_code
;SMLFKDCSKVITGLHPTQAPTHLSVDTKFKTEGLCVDIPGIPKDMTYRRLISMMGFKMNYQVNGYPNMFITREEAIRHVR
AWIGFDVEGCHATREAVGTNLPLQLGFSTGVNLVAVPTGYVDTPNNTDFSRVSAKPPPGDQFKHLIPLMYKGLPWNVVRI
KIVQMLSDTLKNLSDRVVFVLWAHGFELTSMKYFVKIGPERTCCLCDRRATCFSTASDTYACWHHSIGFDYVYNPFMIDV
QQWGFTGNLQSNHDLYCQVHGNAHVASCDAIMTRCLAVHECFVKRVDWTIEYPIIGDELKINAACRKVQHMVVKAALLAD
KFPVLHDIGNPKAIKCVPQADVEWKFYDAQPCSDKAYKIEELFYSYATHSDKFTDGVCLFWNCNVDRYPANSIVCRFDTR
VLSNLNLPGCDGGSLYVNKHAFHTPAFDKSAFVNLKQLPFFYYSDSPCESHGKQVVSDIDYVPLKSATCITRCNLGGAVC
RHHANEYRLYLDAYNMMISAGFSLWVYKQFDTYNLWNTFTRLQ
;
_entity_poly.pdbx_strand_id   D
#
loop_
_chem_comp.id
_chem_comp.type
_chem_comp.name
_chem_comp.formula
O2A non-polymer N-methyl-1H-indole-7-carboxamide 'C10 H10 N2 O'
PO4 non-polymer 'PHOSPHATE ION' 'O4 P -3'
ZN non-polymer 'ZINC ION' 'Zn 2'
#
# COMPACT_ATOMS: atom_id res chain seq x y z
N PRO A 20 13.73 20.69 -14.22
CA PRO A 20 14.11 19.31 -13.92
C PRO A 20 12.96 18.36 -13.61
N THR A 21 12.41 17.72 -14.66
CA THR A 21 11.31 16.77 -14.54
C THR A 21 11.82 15.31 -14.48
N HIS A 22 12.75 14.95 -15.38
CA HIS A 22 13.32 13.59 -15.43
C HIS A 22 14.79 13.53 -14.94
N LEU A 23 15.39 12.33 -14.87
CA LEU A 23 16.77 12.16 -14.46
C LEU A 23 17.62 12.28 -15.74
N SER A 24 18.57 13.23 -15.77
CA SER A 24 19.42 13.46 -16.93
C SER A 24 20.37 12.29 -17.13
N VAL A 25 20.55 11.83 -18.38
CA VAL A 25 21.50 10.74 -18.62
C VAL A 25 22.93 11.20 -18.33
N ASP A 26 23.20 12.51 -18.29
CA ASP A 26 24.52 13.04 -18.01
C ASP A 26 24.79 13.21 -16.51
N THR A 27 23.84 12.82 -15.63
CA THR A 27 24.02 12.79 -14.18
C THR A 27 25.06 11.67 -13.88
N LYS A 28 25.81 11.81 -12.80
CA LYS A 28 26.82 10.85 -12.41
C LYS A 28 26.25 9.69 -11.61
N PHE A 29 26.78 8.51 -11.87
CA PHE A 29 26.40 7.28 -11.20
C PHE A 29 27.61 6.82 -10.37
N LYS A 30 27.45 6.73 -9.04
CA LYS A 30 28.52 6.27 -8.16
C LYS A 30 28.73 4.78 -8.47
N THR A 31 29.93 4.38 -8.91
CA THR A 31 30.18 3.00 -9.32
C THR A 31 30.87 2.11 -8.33
N GLU A 32 31.18 2.61 -7.13
CA GLU A 32 31.87 1.81 -6.11
C GLU A 32 31.16 0.49 -5.78
N GLY A 33 29.83 0.51 -5.79
CA GLY A 33 29.05 -0.68 -5.52
C GLY A 33 29.09 -1.73 -6.62
N LEU A 34 29.51 -1.34 -7.82
CA LEU A 34 29.61 -2.20 -8.99
C LEU A 34 31.00 -2.82 -9.21
N CYS A 35 32.02 -2.43 -8.43
CA CYS A 35 33.39 -2.84 -8.71
C CYS A 35 33.80 -4.24 -8.21
N VAL A 36 32.91 -5.01 -7.56
CA VAL A 36 33.26 -6.39 -7.18
C VAL A 36 32.84 -7.31 -8.35
N ASP A 37 31.60 -7.11 -8.90
CA ASP A 37 31.21 -7.85 -10.09
C ASP A 37 31.89 -7.30 -11.35
N ILE A 38 32.21 -5.98 -11.37
CA ILE A 38 32.83 -5.29 -12.51
C ILE A 38 34.14 -4.62 -12.09
N PRO A 39 35.23 -5.41 -11.87
CA PRO A 39 36.52 -4.80 -11.51
C PRO A 39 37.10 -3.94 -12.64
N GLY A 40 37.56 -2.75 -12.28
CA GLY A 40 38.15 -1.82 -13.23
C GLY A 40 37.17 -0.80 -13.79
N ILE A 41 35.97 -0.72 -13.24
CA ILE A 41 34.95 0.23 -13.71
C ILE A 41 35.38 1.66 -13.36
N PRO A 42 35.21 2.63 -14.28
CA PRO A 42 35.63 4.00 -13.98
C PRO A 42 34.89 4.59 -12.81
N LYS A 43 35.56 5.42 -12.04
CA LYS A 43 34.93 6.11 -10.93
C LYS A 43 34.00 7.18 -11.52
N ASP A 44 34.45 7.90 -12.56
CA ASP A 44 33.66 8.90 -13.27
C ASP A 44 32.79 8.15 -14.28
N MET A 45 31.46 8.21 -14.10
CA MET A 45 30.55 7.49 -14.95
C MET A 45 29.21 8.19 -15.00
N THR A 46 28.63 8.37 -16.19
CA THR A 46 27.29 8.97 -16.32
C THR A 46 26.24 7.87 -16.53
N TYR A 47 24.94 8.22 -16.45
CA TYR A 47 23.89 7.26 -16.77
C TYR A 47 24.04 6.81 -18.24
N ARG A 48 24.33 7.75 -19.13
CA ARG A 48 24.56 7.55 -20.55
C ARG A 48 25.60 6.44 -20.81
N ARG A 49 26.77 6.48 -20.12
CA ARG A 49 27.79 5.45 -20.32
C ARG A 49 27.38 4.11 -19.70
N LEU A 50 26.66 4.15 -18.57
CA LEU A 50 26.20 2.94 -17.90
C LEU A 50 25.18 2.21 -18.75
N ILE A 51 24.19 2.94 -19.33
CA ILE A 51 23.18 2.37 -20.21
C ILE A 51 23.85 1.77 -21.46
N SER A 52 24.82 2.48 -22.03
CA SER A 52 25.59 1.99 -23.17
C SER A 52 26.30 0.67 -22.83
N MET A 53 26.95 0.59 -21.65
CA MET A 53 27.62 -0.60 -21.12
C MET A 53 26.64 -1.76 -20.92
N MET A 54 25.38 -1.43 -20.56
CA MET A 54 24.34 -2.42 -20.35
C MET A 54 23.76 -3.02 -21.65
N GLY A 55 24.12 -2.47 -22.80
CA GLY A 55 23.66 -2.98 -24.08
C GLY A 55 22.48 -2.26 -24.67
N PHE A 56 22.18 -1.06 -24.17
CA PHE A 56 21.02 -0.30 -24.66
C PHE A 56 21.43 0.93 -25.45
N LYS A 57 20.95 0.99 -26.70
CA LYS A 57 21.26 2.10 -27.60
C LYS A 57 20.10 3.08 -27.58
N MET A 58 20.25 4.20 -26.88
CA MET A 58 19.17 5.20 -26.81
C MET A 58 19.07 6.02 -28.12
N ASN A 59 20.12 5.99 -28.99
CA ASN A 59 20.25 6.63 -30.31
C ASN A 59 19.57 8.02 -30.40
N TYR A 60 19.67 8.84 -29.32
CA TYR A 60 19.05 10.16 -29.16
C TYR A 60 17.56 10.08 -29.51
N GLN A 61 16.73 9.76 -28.52
CA GLN A 61 15.30 9.59 -28.76
C GLN A 61 14.40 10.48 -27.86
N VAL A 62 13.61 11.34 -28.52
CA VAL A 62 12.66 12.24 -27.86
C VAL A 62 11.25 11.69 -28.00
N ASN A 63 11.04 10.45 -27.53
CA ASN A 63 9.77 9.78 -27.65
C ASN A 63 9.21 9.24 -26.32
N GLY A 64 9.38 10.02 -25.25
CA GLY A 64 8.82 9.72 -23.94
C GLY A 64 9.58 8.80 -22.98
N TYR A 65 10.76 8.31 -23.37
CA TYR A 65 11.54 7.42 -22.51
C TYR A 65 12.97 7.98 -22.48
N PRO A 66 13.22 9.09 -21.74
CA PRO A 66 14.55 9.74 -21.80
C PRO A 66 15.69 9.01 -21.08
N ASN A 67 15.34 8.24 -20.06
CA ASN A 67 16.30 7.52 -19.27
C ASN A 67 15.60 6.25 -18.69
N MET A 68 16.34 5.13 -18.57
CA MET A 68 15.85 3.91 -17.95
C MET A 68 15.79 4.10 -16.41
N PHE A 69 16.72 4.87 -15.86
CA PHE A 69 16.79 5.17 -14.45
C PHE A 69 15.96 6.42 -14.15
N ILE A 70 15.31 6.42 -12.99
CA ILE A 70 14.45 7.53 -12.59
C ILE A 70 14.91 8.21 -11.29
N THR A 71 14.36 9.41 -11.01
CA THR A 71 14.65 10.12 -9.77
C THR A 71 13.90 9.44 -8.60
N ARG A 72 14.32 9.73 -7.36
CA ARG A 72 13.69 9.30 -6.13
C ARG A 72 12.22 9.80 -6.11
N GLU A 73 11.97 11.03 -6.60
CA GLU A 73 10.65 11.66 -6.67
C GLU A 73 9.74 10.93 -7.66
N GLU A 74 10.26 10.59 -8.86
CA GLU A 74 9.47 9.85 -9.85
C GLU A 74 9.17 8.44 -9.33
N ALA A 75 10.14 7.81 -8.62
CA ALA A 75 9.95 6.49 -8.03
C ALA A 75 8.82 6.51 -6.99
N ILE A 76 8.73 7.58 -6.17
CA ILE A 76 7.70 7.73 -5.13
C ILE A 76 6.33 7.89 -5.77
N ARG A 77 6.23 8.63 -6.89
CA ARG A 77 4.94 8.73 -7.60
C ARG A 77 4.50 7.39 -8.21
N HIS A 78 5.45 6.48 -8.45
CA HIS A 78 5.20 5.18 -9.06
C HIS A 78 5.49 3.99 -8.12
N VAL A 79 5.27 4.19 -6.79
CA VAL A 79 5.50 3.16 -5.78
C VAL A 79 4.75 1.84 -6.08
N ARG A 80 3.56 1.89 -6.73
CA ARG A 80 2.80 0.68 -7.07
C ARG A 80 3.54 -0.20 -8.09
N ALA A 81 4.45 0.39 -8.86
CA ALA A 81 5.24 -0.32 -9.84
C ALA A 81 6.51 -0.94 -9.24
N TRP A 82 6.88 -0.63 -7.98
CA TRP A 82 8.15 -1.12 -7.43
C TRP A 82 8.22 -2.62 -7.31
N ILE A 83 9.29 -3.18 -7.90
CA ILE A 83 9.62 -4.60 -7.85
C ILE A 83 11.10 -4.63 -7.57
N GLY A 84 11.47 -5.15 -6.41
CA GLY A 84 12.87 -5.30 -6.06
C GLY A 84 13.47 -6.37 -6.94
N PHE A 85 14.68 -6.13 -7.44
CA PHE A 85 15.34 -7.09 -8.30
C PHE A 85 16.80 -7.27 -7.87
N ASP A 86 17.22 -8.52 -7.80
CA ASP A 86 18.58 -8.86 -7.43
C ASP A 86 19.05 -10.03 -8.28
N VAL A 87 20.30 -9.98 -8.68
CA VAL A 87 20.91 -11.06 -9.45
C VAL A 87 22.18 -11.47 -8.71
N GLU A 88 22.26 -12.74 -8.32
CA GLU A 88 23.42 -13.28 -7.67
C GLU A 88 24.10 -14.19 -8.68
N GLY A 89 25.39 -13.97 -8.90
CA GLY A 89 26.15 -14.74 -9.87
C GLY A 89 26.52 -16.12 -9.38
N CYS A 90 25.47 -16.93 -9.10
CA CYS A 90 25.38 -18.33 -8.65
C CYS A 90 26.73 -19.10 -8.72
N HIS A 91 27.34 -19.19 -9.91
CA HIS A 91 28.62 -19.86 -10.06
C HIS A 91 29.71 -18.90 -10.58
N GLY A 98 27.89 -14.47 -15.83
CA GLY A 98 28.62 -13.74 -16.84
C GLY A 98 28.69 -14.48 -18.17
N THR A 99 27.52 -14.99 -18.64
CA THR A 99 27.36 -15.77 -19.89
C THR A 99 28.37 -16.98 -19.97
N ASN A 100 28.87 -17.38 -18.80
CA ASN A 100 29.79 -18.48 -18.55
C ASN A 100 29.24 -19.28 -17.35
N LEU A 101 28.73 -18.56 -16.33
CA LEU A 101 28.14 -19.12 -15.12
C LEU A 101 26.63 -18.82 -15.05
N PRO A 102 25.86 -19.66 -14.36
CA PRO A 102 24.42 -19.38 -14.21
C PRO A 102 24.15 -18.21 -13.25
N LEU A 103 22.99 -17.56 -13.40
CA LEU A 103 22.63 -16.42 -12.56
C LEU A 103 21.34 -16.72 -11.81
N GLN A 104 21.24 -16.33 -10.55
CA GLN A 104 20.01 -16.48 -9.79
C GLN A 104 19.34 -15.13 -9.80
N LEU A 105 18.11 -15.07 -10.35
CA LEU A 105 17.29 -13.87 -10.53
C LEU A 105 16.22 -13.85 -9.47
N GLY A 106 16.33 -12.95 -8.51
CA GLY A 106 15.38 -12.85 -7.43
C GLY A 106 14.52 -11.61 -7.49
N PHE A 107 13.23 -11.76 -7.19
CA PHE A 107 12.28 -10.63 -7.24
C PHE A 107 11.58 -10.45 -5.90
N SER A 108 11.15 -9.22 -5.58
CA SER A 108 10.43 -8.99 -4.32
C SER A 108 9.06 -9.75 -4.24
N THR A 109 8.68 -10.46 -5.32
CA THR A 109 7.52 -11.34 -5.31
C THR A 109 7.86 -12.71 -4.62
N GLY A 110 9.11 -12.92 -4.21
CA GLY A 110 9.55 -14.16 -3.61
C GLY A 110 10.04 -15.18 -4.61
N VAL A 111 10.09 -14.81 -5.90
CA VAL A 111 10.50 -15.71 -6.98
C VAL A 111 12.01 -15.71 -7.26
N ASN A 112 12.58 -16.92 -7.39
CA ASN A 112 13.96 -17.13 -7.74
C ASN A 112 14.01 -17.97 -9.00
N LEU A 113 14.49 -17.40 -10.11
CA LEU A 113 14.67 -18.10 -11.38
C LEU A 113 16.16 -18.28 -11.64
N VAL A 114 16.59 -19.43 -12.16
CA VAL A 114 18.00 -19.63 -12.50
C VAL A 114 18.19 -19.62 -14.01
N ALA A 115 18.94 -18.64 -14.52
CA ALA A 115 19.21 -18.53 -15.95
C ALA A 115 20.58 -19.14 -16.26
N VAL A 116 20.65 -20.01 -17.28
CA VAL A 116 21.91 -20.62 -17.73
C VAL A 116 22.25 -20.19 -19.15
N PRO A 117 23.55 -20.06 -19.48
CA PRO A 117 23.93 -19.64 -20.83
C PRO A 117 24.40 -20.87 -21.62
N THR A 118 23.57 -21.93 -21.65
CA THR A 118 23.96 -23.16 -22.34
C THR A 118 23.99 -23.02 -23.87
N PRO A 147 10.20 -17.24 -1.28
CA PRO A 147 11.16 -18.35 -1.19
C PRO A 147 10.98 -19.42 -2.29
N LEU A 148 10.30 -19.07 -3.39
CA LEU A 148 10.04 -20.01 -4.48
C LEU A 148 11.23 -20.16 -5.44
N MET A 149 12.01 -21.24 -5.28
CA MET A 149 13.21 -21.52 -6.08
C MET A 149 12.98 -22.46 -7.26
N TYR A 150 13.39 -22.01 -8.47
CA TYR A 150 13.26 -22.74 -9.73
C TYR A 150 14.62 -23.20 -10.29
N LYS A 151 14.68 -24.41 -10.89
CA LYS A 151 15.92 -24.99 -11.46
C LYS A 151 16.41 -24.27 -12.74
N GLY A 152 17.71 -24.42 -13.04
CA GLY A 152 18.40 -23.78 -14.16
C GLY A 152 17.83 -24.02 -15.55
N LEU A 153 17.52 -22.92 -16.26
CA LEU A 153 16.93 -22.95 -17.61
C LEU A 153 17.52 -21.84 -18.48
N PRO A 154 17.55 -22.00 -19.84
CA PRO A 154 18.08 -20.93 -20.68
C PRO A 154 17.26 -19.65 -20.68
N TRP A 155 17.87 -18.53 -21.07
CA TRP A 155 17.21 -17.23 -21.10
C TRP A 155 15.93 -17.14 -21.89
N ASN A 156 15.83 -17.88 -23.03
CA ASN A 156 14.62 -17.85 -23.85
C ASN A 156 13.39 -18.27 -23.11
N VAL A 157 13.52 -19.20 -22.14
CA VAL A 157 12.35 -19.58 -21.37
C VAL A 157 12.26 -18.69 -20.10
N VAL A 158 13.38 -18.35 -19.48
CA VAL A 158 13.39 -17.47 -18.29
C VAL A 158 12.64 -16.12 -18.56
N ARG A 159 12.93 -15.46 -19.71
CA ARG A 159 12.32 -14.20 -20.08
C ARG A 159 10.79 -14.26 -20.21
N ILE A 160 10.22 -15.44 -20.63
CA ILE A 160 8.78 -15.68 -20.74
C ILE A 160 8.13 -15.69 -19.32
N LYS A 161 8.80 -16.33 -18.38
CA LYS A 161 8.36 -16.42 -16.98
C LYS A 161 8.39 -15.03 -16.32
N ILE A 162 9.39 -14.20 -16.68
CA ILE A 162 9.54 -12.84 -16.14
C ILE A 162 8.37 -11.97 -16.56
N VAL A 163 7.94 -12.08 -17.83
CA VAL A 163 6.83 -11.31 -18.32
C VAL A 163 5.53 -11.76 -17.66
N GLN A 164 5.32 -13.08 -17.54
CA GLN A 164 4.13 -13.61 -16.89
C GLN A 164 4.02 -13.11 -15.45
N MET A 165 5.09 -13.23 -14.68
CA MET A 165 5.15 -12.83 -13.29
C MET A 165 4.90 -11.34 -13.08
N LEU A 166 5.61 -10.46 -13.83
CA LEU A 166 5.40 -9.01 -13.72
C LEU A 166 4.00 -8.60 -14.13
N SER A 167 3.47 -9.19 -15.20
CA SER A 167 2.14 -8.86 -15.65
C SER A 167 1.09 -9.22 -14.61
N ASP A 168 1.16 -10.43 -14.03
CA ASP A 168 0.20 -10.86 -13.01
C ASP A 168 0.29 -10.02 -11.75
N THR A 169 1.50 -9.60 -11.40
CA THR A 169 1.75 -8.80 -10.22
C THR A 169 1.26 -7.38 -10.39
N LEU A 170 1.57 -6.76 -11.54
CA LEU A 170 1.36 -5.35 -11.81
C LEU A 170 0.13 -4.93 -12.57
N LYS A 171 -0.59 -5.80 -13.28
CA LYS A 171 -1.72 -5.37 -14.11
C LYS A 171 -2.75 -4.52 -13.40
N ASN A 172 -3.04 -4.83 -12.15
CA ASN A 172 -4.03 -4.10 -11.39
C ASN A 172 -3.40 -3.05 -10.46
N LEU A 173 -2.10 -2.74 -10.62
CA LEU A 173 -1.45 -1.79 -9.76
C LEU A 173 -0.93 -0.58 -10.50
N SER A 174 -0.27 -0.83 -11.63
CA SER A 174 0.45 0.24 -12.32
C SER A 174 0.46 0.05 -13.83
N ASP A 175 0.80 1.15 -14.55
CA ASP A 175 1.02 1.16 -16.00
C ASP A 175 2.49 0.83 -16.35
N ARG A 176 3.35 0.55 -15.35
CA ARG A 176 4.75 0.30 -15.59
C ARG A 176 5.36 -0.62 -14.50
N VAL A 177 6.67 -0.89 -14.59
CA VAL A 177 7.50 -1.59 -13.60
C VAL A 177 8.63 -0.63 -13.24
N VAL A 178 9.03 -0.61 -11.95
CA VAL A 178 10.18 0.16 -11.46
C VAL A 178 11.04 -0.87 -10.74
N PHE A 179 12.14 -1.28 -11.36
CA PHE A 179 13.07 -2.24 -10.77
C PHE A 179 13.89 -1.53 -9.69
N VAL A 180 13.66 -1.85 -8.43
CA VAL A 180 14.36 -1.26 -7.30
C VAL A 180 15.61 -2.14 -7.02
N LEU A 181 16.79 -1.55 -7.14
CA LEU A 181 18.04 -2.28 -7.02
C LEU A 181 18.94 -1.81 -5.89
N TRP A 182 19.87 -2.68 -5.50
CA TRP A 182 21.00 -2.39 -4.62
C TRP A 182 22.13 -2.94 -5.52
N ALA A 183 22.40 -2.20 -6.59
CA ALA A 183 23.22 -2.62 -7.69
C ALA A 183 24.69 -2.94 -7.36
N HIS A 184 25.06 -4.19 -7.69
CA HIS A 184 26.43 -4.65 -7.58
C HIS A 184 27.05 -5.01 -8.94
N GLY A 185 26.26 -5.15 -9.99
CA GLY A 185 26.81 -5.42 -11.32
C GLY A 185 26.03 -6.36 -12.21
N PHE A 186 25.79 -7.60 -11.76
CA PHE A 186 25.09 -8.59 -12.61
C PHE A 186 23.64 -8.29 -12.95
N GLU A 187 22.90 -7.59 -12.07
CA GLU A 187 21.51 -7.26 -12.34
C GLU A 187 21.38 -6.31 -13.51
N LEU A 188 22.33 -5.37 -13.67
CA LEU A 188 22.33 -4.41 -14.75
C LEU A 188 22.83 -5.04 -16.03
N THR A 189 23.86 -5.88 -15.96
CA THR A 189 24.39 -6.52 -17.17
C THR A 189 23.49 -7.69 -17.65
N SER A 190 22.52 -8.14 -16.83
CA SER A 190 21.62 -9.20 -17.25
C SER A 190 20.32 -8.67 -17.87
N MET A 191 20.02 -7.38 -17.71
CA MET A 191 18.81 -6.80 -18.25
C MET A 191 18.66 -6.93 -19.74
N LYS A 192 19.75 -6.93 -20.52
CA LYS A 192 19.65 -7.09 -21.98
C LYS A 192 19.08 -8.47 -22.42
N TYR A 193 19.01 -9.42 -21.49
CA TYR A 193 18.49 -10.75 -21.76
C TYR A 193 16.98 -10.84 -21.67
N PHE A 194 16.34 -9.91 -20.95
CA PHE A 194 14.88 -9.91 -20.84
C PHE A 194 14.24 -8.55 -21.09
N VAL A 195 15.01 -7.53 -21.48
CA VAL A 195 14.50 -6.18 -21.67
C VAL A 195 14.77 -5.62 -23.06
N LYS A 196 13.75 -5.03 -23.69
CA LYS A 196 13.85 -4.29 -24.96
C LYS A 196 13.40 -2.84 -24.68
N ILE A 197 14.02 -1.86 -25.33
CA ILE A 197 13.68 -0.44 -25.13
C ILE A 197 13.43 0.26 -26.49
N GLY A 198 12.81 1.43 -26.44
CA GLY A 198 12.53 2.22 -27.62
C GLY A 198 11.55 3.33 -27.32
N PRO A 199 10.87 3.83 -28.37
CA PRO A 199 9.87 4.88 -28.14
C PRO A 199 8.72 4.37 -27.31
N GLU A 200 8.03 5.30 -26.65
CA GLU A 200 6.84 4.96 -25.89
C GLU A 200 5.75 4.45 -26.84
N ARG A 201 4.99 3.44 -26.41
CA ARG A 201 4.01 2.81 -27.25
C ARG A 201 2.70 2.50 -26.54
N THR A 202 1.70 2.02 -27.30
CA THR A 202 0.42 1.55 -26.75
C THR A 202 0.24 0.06 -27.07
N CYS A 203 -0.57 -0.59 -26.26
CA CYS A 203 -0.90 -2.00 -26.39
C CYS A 203 -1.59 -2.29 -27.72
N CYS A 204 -1.37 -3.48 -28.30
CA CYS A 204 -2.03 -3.87 -29.55
C CYS A 204 -3.52 -4.17 -29.34
N LEU A 205 -3.95 -4.52 -28.11
CA LEU A 205 -5.34 -4.83 -27.83
C LEU A 205 -6.09 -3.74 -27.05
N CYS A 206 -5.42 -2.67 -26.66
CA CYS A 206 -6.07 -1.58 -25.92
C CYS A 206 -5.27 -0.24 -25.96
N ASP A 207 -5.72 0.79 -25.23
CA ASP A 207 -5.10 2.10 -25.23
C ASP A 207 -4.06 2.31 -24.14
N ARG A 208 -3.79 1.28 -23.32
CA ARG A 208 -2.80 1.41 -22.25
C ARG A 208 -1.41 1.42 -22.81
N ARG A 209 -0.48 2.03 -22.08
CA ARG A 209 0.93 2.12 -22.37
C ARG A 209 1.52 0.71 -22.49
N ALA A 210 2.41 0.50 -23.43
CA ALA A 210 3.06 -0.79 -23.67
C ALA A 210 4.16 -1.09 -22.62
N THR A 211 4.06 -2.26 -21.98
CA THR A 211 5.04 -2.69 -21.00
C THR A 211 5.75 -4.00 -21.39
N CYS A 212 5.27 -4.71 -22.44
CA CYS A 212 5.82 -5.99 -22.92
C CYS A 212 5.96 -6.00 -24.44
N PHE A 213 6.86 -6.83 -24.94
CA PHE A 213 7.09 -6.99 -26.37
C PHE A 213 7.18 -8.49 -26.70
N SER A 214 6.70 -8.87 -27.88
CA SER A 214 6.75 -10.25 -28.32
C SER A 214 7.55 -10.40 -29.61
N THR A 215 8.68 -11.14 -29.59
CA THR A 215 9.45 -11.41 -30.82
C THR A 215 8.70 -12.35 -31.77
N ALA A 216 7.79 -13.19 -31.25
CA ALA A 216 7.02 -14.11 -32.07
C ALA A 216 6.05 -13.37 -33.00
N SER A 217 5.32 -12.38 -32.48
CA SER A 217 4.35 -11.65 -33.28
C SER A 217 4.83 -10.25 -33.75
N ASP A 218 5.91 -9.74 -33.17
CA ASP A 218 6.42 -8.39 -33.46
C ASP A 218 5.45 -7.29 -32.97
N THR A 219 4.66 -7.57 -31.92
CA THR A 219 3.71 -6.61 -31.37
C THR A 219 4.03 -6.23 -29.90
N TYR A 220 3.32 -5.21 -29.38
CA TYR A 220 3.47 -4.67 -28.03
C TYR A 220 2.18 -4.85 -27.22
N ALA A 221 2.32 -4.97 -25.91
CA ALA A 221 1.16 -5.15 -25.04
C ALA A 221 1.39 -4.51 -23.68
N CYS A 222 0.29 -4.23 -22.97
CA CYS A 222 0.29 -3.74 -21.60
C CYS A 222 0.36 -5.00 -20.66
N TRP A 223 0.18 -4.83 -19.34
CA TRP A 223 0.22 -5.96 -18.42
C TRP A 223 -1.00 -6.88 -18.57
N HIS A 224 -2.15 -6.34 -19.04
CA HIS A 224 -3.36 -7.15 -19.19
C HIS A 224 -3.38 -8.00 -20.44
N HIS A 225 -2.63 -7.64 -21.49
CA HIS A 225 -2.69 -8.37 -22.75
C HIS A 225 -1.39 -8.99 -23.20
N SER A 226 -0.50 -9.27 -22.24
CA SER A 226 0.84 -9.76 -22.53
C SER A 226 1.03 -11.27 -22.58
N ILE A 227 -0.04 -12.07 -22.60
CA ILE A 227 0.09 -13.53 -22.59
C ILE A 227 0.90 -14.04 -23.78
N GLY A 228 1.97 -14.77 -23.49
CA GLY A 228 2.87 -15.26 -24.52
C GLY A 228 3.98 -14.30 -24.90
N PHE A 229 4.01 -13.08 -24.33
CA PHE A 229 5.06 -12.10 -24.67
C PHE A 229 6.37 -12.47 -23.98
N ASP A 230 7.51 -12.20 -24.61
CA ASP A 230 8.79 -12.64 -24.07
C ASP A 230 9.74 -11.53 -23.58
N TYR A 231 9.49 -10.26 -23.91
CA TYR A 231 10.38 -9.18 -23.47
C TYR A 231 9.67 -8.13 -22.62
N VAL A 232 10.41 -7.58 -21.65
CA VAL A 232 9.91 -6.49 -20.82
C VAL A 232 10.27 -5.25 -21.63
N TYR A 233 9.26 -4.46 -21.98
CA TYR A 233 9.46 -3.29 -22.80
C TYR A 233 9.45 -2.00 -21.98
N ASN A 234 10.49 -1.15 -22.20
CA ASN A 234 10.67 0.15 -21.52
C ASN A 234 10.47 0.12 -20.01
N PRO A 235 11.23 -0.74 -19.28
CA PRO A 235 11.09 -0.75 -17.82
C PRO A 235 11.80 0.47 -17.23
N PHE A 236 11.50 0.76 -15.96
CA PHE A 236 12.20 1.80 -15.23
C PHE A 236 12.99 1.14 -14.12
N MET A 237 13.94 1.86 -13.55
CA MET A 237 14.79 1.31 -12.50
C MET A 237 15.40 2.39 -11.65
N ILE A 238 15.79 2.03 -10.43
CA ILE A 238 16.40 2.98 -9.51
C ILE A 238 17.36 2.23 -8.59
N ASP A 239 18.56 2.79 -8.41
CA ASP A 239 19.58 2.17 -7.58
C ASP A 239 19.61 2.86 -6.22
N VAL A 240 19.16 2.12 -5.20
CA VAL A 240 19.08 2.55 -3.80
C VAL A 240 20.46 2.94 -3.27
N GLN A 241 21.54 2.30 -3.75
CA GLN A 241 22.89 2.65 -3.36
C GLN A 241 23.25 4.10 -3.74
N GLN A 242 22.62 4.68 -4.79
CA GLN A 242 22.87 6.07 -5.17
C GLN A 242 22.40 7.10 -4.13
N TRP A 243 21.65 6.66 -3.12
CA TRP A 243 21.14 7.54 -2.08
C TRP A 243 22.15 7.83 -0.96
N GLY A 244 23.34 7.25 -1.06
CA GLY A 244 24.40 7.50 -0.08
C GLY A 244 24.23 6.74 1.21
N PHE A 245 24.54 5.46 1.17
CA PHE A 245 24.48 4.63 2.37
C PHE A 245 25.87 4.18 2.76
N THR A 246 26.06 3.98 4.06
CA THR A 246 27.30 3.43 4.64
C THR A 246 26.96 1.96 4.91
N GLY A 247 27.86 1.08 4.53
CA GLY A 247 27.64 -0.35 4.75
C GLY A 247 26.77 -1.02 3.71
N ASN A 248 26.65 -2.34 3.84
CA ASN A 248 25.93 -3.19 2.91
C ASN A 248 24.40 -3.15 3.11
N LEU A 249 23.66 -3.83 2.22
CA LEU A 249 22.21 -3.91 2.25
C LEU A 249 21.68 -4.46 3.56
N GLN A 250 22.14 -5.64 4.00
CA GLN A 250 21.59 -6.23 5.24
C GLN A 250 21.76 -5.31 6.45
N SER A 251 22.93 -4.66 6.61
CA SER A 251 23.15 -3.78 7.76
C SER A 251 22.20 -2.58 7.77
N ASN A 252 21.94 -1.99 6.60
CA ASN A 252 21.04 -0.85 6.50
C ASN A 252 19.59 -1.24 6.65
N HIS A 253 19.21 -2.43 6.11
CA HIS A 253 17.86 -2.91 6.17
C HIS A 253 17.49 -3.30 7.58
N ASP A 254 18.39 -4.07 8.25
CA ASP A 254 18.13 -4.60 9.59
C ASP A 254 18.07 -3.53 10.67
N LEU A 255 18.50 -2.30 10.36
CA LEU A 255 18.38 -1.18 11.29
C LEU A 255 16.91 -0.87 11.56
N TYR A 256 16.02 -1.08 10.56
CA TYR A 256 14.62 -0.70 10.65
C TYR A 256 13.62 -1.85 10.54
N CYS A 257 14.06 -3.04 10.12
CA CYS A 257 13.15 -4.15 9.90
C CYS A 257 13.64 -5.49 10.43
N GLN A 258 12.82 -6.10 11.27
CA GLN A 258 13.08 -7.41 11.85
C GLN A 258 12.27 -8.55 11.20
N VAL A 259 11.41 -8.23 10.22
CA VAL A 259 10.51 -9.16 9.54
C VAL A 259 11.13 -9.89 8.31
N HIS A 260 12.05 -9.23 7.59
CA HIS A 260 12.69 -9.88 6.43
C HIS A 260 14.08 -10.39 6.79
N GLY A 261 14.25 -11.71 6.72
CA GLY A 261 15.55 -12.32 6.99
C GLY A 261 16.40 -12.47 5.74
N ASN A 262 17.62 -13.02 5.89
CA ASN A 262 18.47 -13.24 4.72
C ASN A 262 18.80 -14.69 4.51
N ALA A 263 17.85 -15.44 3.92
CA ALA A 263 18.08 -16.85 3.65
C ALA A 263 19.15 -17.12 2.56
N HIS A 264 19.85 -16.04 2.10
CA HIS A 264 20.94 -16.06 1.13
C HIS A 264 20.50 -16.43 -0.30
N VAL A 265 19.24 -16.16 -0.63
CA VAL A 265 18.75 -16.32 -1.99
C VAL A 265 18.54 -14.91 -2.56
N ALA A 266 18.59 -14.77 -3.87
CA ALA A 266 18.43 -13.50 -4.53
C ALA A 266 17.09 -12.78 -4.21
N SER A 267 15.97 -13.50 -4.06
CA SER A 267 14.69 -12.89 -3.68
C SER A 267 14.76 -12.24 -2.28
N CYS A 268 15.60 -12.77 -1.39
CA CYS A 268 15.75 -12.23 -0.04
C CYS A 268 16.31 -10.83 -0.10
N ASP A 269 17.33 -10.61 -0.94
CA ASP A 269 17.95 -9.30 -1.14
C ASP A 269 16.99 -8.35 -1.85
N ALA A 270 16.22 -8.87 -2.82
CA ALA A 270 15.26 -8.11 -3.61
C ALA A 270 14.15 -7.51 -2.72
N ILE A 271 13.69 -8.32 -1.74
CA ILE A 271 12.69 -7.92 -0.76
C ILE A 271 13.24 -6.88 0.21
N MET A 272 14.44 -7.15 0.78
CA MET A 272 15.12 -6.24 1.71
C MET A 272 15.37 -4.88 1.03
N THR A 273 15.75 -4.89 -0.27
CA THR A 273 16.01 -3.68 -1.06
C THR A 273 14.74 -2.83 -1.19
N ARG A 274 13.60 -3.43 -1.68
CA ARG A 274 12.35 -2.71 -1.80
C ARG A 274 11.88 -2.22 -0.42
N CYS A 275 12.05 -3.05 0.63
CA CYS A 275 11.71 -2.71 1.99
C CYS A 275 12.47 -1.46 2.45
N LEU A 276 13.80 -1.42 2.22
CA LEU A 276 14.62 -0.28 2.63
C LEU A 276 14.22 0.98 1.84
N ALA A 277 13.82 0.83 0.57
CA ALA A 277 13.40 1.93 -0.25
C ALA A 277 12.09 2.50 0.32
N VAL A 278 11.13 1.63 0.66
CA VAL A 278 9.85 2.02 1.27
C VAL A 278 10.11 2.73 2.61
N HIS A 279 11.07 2.26 3.41
CA HIS A 279 11.39 2.91 4.67
C HIS A 279 11.86 4.35 4.46
N GLU A 280 12.80 4.54 3.52
CA GLU A 280 13.37 5.83 3.19
C GLU A 280 12.37 6.80 2.59
N CYS A 281 11.45 6.30 1.80
CA CYS A 281 10.52 7.15 1.08
C CYS A 281 9.16 7.33 1.73
N PHE A 282 8.79 6.45 2.69
CA PHE A 282 7.44 6.45 3.26
C PHE A 282 7.36 6.30 4.76
N VAL A 283 8.46 5.94 5.42
CA VAL A 283 8.45 5.80 6.87
C VAL A 283 9.17 7.01 7.45
N LYS A 284 10.45 7.23 7.06
CA LYS A 284 11.26 8.35 7.52
C LYS A 284 10.91 9.64 6.77
N ARG A 285 10.52 9.52 5.50
CA ARG A 285 10.12 10.67 4.71
C ARG A 285 8.63 10.52 4.45
N VAL A 286 7.83 11.52 4.80
CA VAL A 286 6.40 11.45 4.55
C VAL A 286 5.93 12.61 3.70
N ASP A 287 5.36 12.32 2.53
CA ASP A 287 4.81 13.35 1.68
C ASP A 287 3.35 13.03 1.42
N TRP A 288 2.44 13.74 2.11
CA TRP A 288 1.01 13.51 1.88
C TRP A 288 0.43 14.42 0.77
N THR A 289 1.27 15.21 0.06
CA THR A 289 0.78 16.04 -1.04
C THR A 289 0.62 15.21 -2.33
N ILE A 290 1.49 14.20 -2.52
CA ILE A 290 1.45 13.33 -3.69
C ILE A 290 0.14 12.57 -3.81
N GLU A 291 -0.55 12.76 -4.92
CA GLU A 291 -1.79 12.08 -5.23
C GLU A 291 -1.48 10.87 -6.11
N TYR A 292 -2.25 9.80 -5.94
CA TYR A 292 -2.08 8.60 -6.73
C TYR A 292 -3.35 8.29 -7.51
N PRO A 293 -3.22 7.71 -8.72
CA PRO A 293 -4.42 7.43 -9.53
C PRO A 293 -5.42 6.47 -8.89
N ILE A 294 -6.67 6.46 -9.42
CA ILE A 294 -7.70 5.55 -8.97
C ILE A 294 -7.48 4.23 -9.69
N ILE A 295 -7.36 3.15 -8.97
CA ILE A 295 -7.14 1.82 -9.56
C ILE A 295 -8.14 0.75 -9.06
N GLY A 296 -8.94 1.10 -8.05
CA GLY A 296 -9.88 0.17 -7.44
C GLY A 296 -11.11 0.83 -6.84
N ASP A 297 -11.48 0.39 -5.64
CA ASP A 297 -12.68 0.89 -4.98
C ASP A 297 -12.42 2.08 -4.10
N GLU A 298 -11.38 2.88 -4.37
CA GLU A 298 -11.04 4.05 -3.56
C GLU A 298 -12.24 4.92 -3.15
N LEU A 299 -13.03 5.41 -4.11
CA LEU A 299 -14.15 6.29 -3.79
C LEU A 299 -15.25 5.62 -2.93
N LYS A 300 -15.55 4.34 -3.19
CA LYS A 300 -16.55 3.59 -2.44
C LYS A 300 -16.08 3.29 -1.04
N ILE A 301 -14.81 2.90 -0.88
CA ILE A 301 -14.17 2.59 0.40
C ILE A 301 -14.15 3.83 1.29
N ASN A 302 -13.80 4.97 0.71
CA ASN A 302 -13.75 6.23 1.45
C ASN A 302 -15.13 6.71 1.88
N ALA A 303 -16.13 6.54 1.01
CA ALA A 303 -17.49 6.93 1.33
C ALA A 303 -18.06 6.03 2.43
N ALA A 304 -17.74 4.72 2.37
CA ALA A 304 -18.19 3.75 3.34
C ALA A 304 -17.66 4.10 4.71
N CYS A 305 -16.38 4.47 4.81
CA CYS A 305 -15.70 4.86 6.04
C CYS A 305 -16.40 6.03 6.68
N ARG A 306 -16.82 7.01 5.88
CA ARG A 306 -17.55 8.18 6.38
C ARG A 306 -18.96 7.82 6.89
N LYS A 307 -19.66 6.90 6.20
CA LYS A 307 -21.00 6.46 6.60
C LYS A 307 -20.90 5.63 7.87
N VAL A 308 -19.89 4.74 7.93
CA VAL A 308 -19.67 3.87 9.07
C VAL A 308 -19.30 4.68 10.29
N GLN A 309 -18.43 5.65 10.12
CA GLN A 309 -18.03 6.51 11.24
C GLN A 309 -19.18 7.28 11.88
N HIS A 310 -20.02 7.97 11.09
CA HIS A 310 -21.15 8.73 11.60
C HIS A 310 -22.13 7.79 12.32
N MET A 311 -22.44 6.62 11.72
CA MET A 311 -23.32 5.61 12.27
C MET A 311 -22.88 5.12 13.64
N VAL A 312 -21.63 4.65 13.74
CA VAL A 312 -21.10 4.09 14.96
C VAL A 312 -20.99 5.12 16.06
N VAL A 313 -20.48 6.32 15.76
CA VAL A 313 -20.32 7.36 16.75
C VAL A 313 -21.69 7.86 17.20
N LYS A 314 -22.60 8.15 16.28
CA LYS A 314 -23.95 8.59 16.62
C LYS A 314 -24.68 7.60 17.54
N ALA A 315 -24.61 6.30 17.22
CA ALA A 315 -25.25 5.28 18.04
C ALA A 315 -24.64 5.20 19.41
N ALA A 316 -23.32 5.33 19.53
CA ALA A 316 -22.66 5.29 20.85
C ALA A 316 -23.12 6.45 21.76
N LEU A 317 -23.32 7.61 21.16
CA LEU A 317 -23.77 8.81 21.88
C LEU A 317 -25.22 8.73 22.30
N LEU A 318 -26.06 8.01 21.53
CA LEU A 318 -27.46 7.79 21.86
C LEU A 318 -27.59 6.70 22.91
N ALA A 319 -26.76 5.66 22.83
CA ALA A 319 -26.85 4.52 23.75
C ALA A 319 -26.26 4.78 25.13
N ASP A 320 -25.12 5.49 25.24
CA ASP A 320 -24.51 5.74 26.56
C ASP A 320 -24.41 7.20 26.96
N LYS A 321 -25.02 8.11 26.19
CA LYS A 321 -25.16 9.54 26.49
C LYS A 321 -23.94 10.19 27.16
N PHE A 322 -22.72 9.92 26.65
CA PHE A 322 -21.48 10.50 27.15
C PHE A 322 -21.55 12.01 27.04
N PRO A 323 -21.09 12.75 28.07
CA PRO A 323 -21.16 14.23 28.00
C PRO A 323 -20.05 14.89 27.18
N VAL A 324 -18.90 14.22 27.08
CA VAL A 324 -17.74 14.73 26.35
C VAL A 324 -17.18 13.62 25.42
N LEU A 325 -16.69 14.02 24.26
CA LEU A 325 -16.06 13.10 23.31
C LEU A 325 -14.65 13.64 22.99
N HIS A 326 -13.62 12.80 23.16
CA HIS A 326 -12.22 13.12 22.91
C HIS A 326 -11.86 12.52 21.54
N ASP A 327 -11.66 13.37 20.54
CA ASP A 327 -11.38 12.97 19.18
C ASP A 327 -9.90 13.11 18.91
N ILE A 328 -9.17 12.00 18.80
CA ILE A 328 -7.71 12.00 18.62
C ILE A 328 -7.32 11.48 17.25
N GLY A 329 -6.45 12.23 16.60
CA GLY A 329 -5.95 11.84 15.29
C GLY A 329 -5.89 13.03 14.38
N ASN A 330 -6.32 12.85 13.12
CA ASN A 330 -6.27 13.90 12.10
C ASN A 330 -6.47 15.34 12.59
N PRO A 331 -5.45 16.19 12.43
CA PRO A 331 -5.62 17.59 12.81
C PRO A 331 -6.64 18.33 11.91
N LYS A 332 -7.01 17.73 10.76
CA LYS A 332 -7.98 18.28 9.82
C LYS A 332 -9.38 17.67 9.99
N ALA A 333 -9.55 16.72 10.92
CA ALA A 333 -10.82 16.06 11.20
C ALA A 333 -11.91 17.02 11.61
N ILE A 334 -13.13 16.68 11.21
CA ILE A 334 -14.32 17.45 11.49
C ILE A 334 -15.31 16.54 12.25
N LYS A 335 -16.26 17.15 12.99
CA LYS A 335 -17.30 16.45 13.75
C LYS A 335 -18.07 15.49 12.84
N CYS A 336 -17.88 14.18 13.04
CA CYS A 336 -18.56 13.19 12.20
C CYS A 336 -20.06 13.09 12.48
N VAL A 337 -20.50 13.56 13.67
CA VAL A 337 -21.91 13.63 14.08
C VAL A 337 -22.16 15.10 14.50
N PRO A 338 -22.33 15.98 13.50
CA PRO A 338 -22.50 17.42 13.80
C PRO A 338 -23.71 17.82 14.64
N GLN A 339 -24.77 16.99 14.67
CA GLN A 339 -25.95 17.34 15.45
C GLN A 339 -25.90 16.83 16.90
N ALA A 340 -24.89 16.03 17.28
CA ALA A 340 -24.80 15.49 18.64
C ALA A 340 -24.75 16.55 19.73
N ASP A 341 -25.28 16.23 20.92
CA ASP A 341 -25.31 17.18 22.03
C ASP A 341 -23.94 17.41 22.65
N VAL A 342 -23.13 16.35 22.71
CA VAL A 342 -21.80 16.22 23.29
C VAL A 342 -20.81 17.40 23.11
N GLU A 343 -19.87 17.52 24.07
CA GLU A 343 -18.81 18.49 24.04
C GLU A 343 -17.74 17.79 23.25
N TRP A 344 -17.52 18.24 22.01
CA TRP A 344 -16.58 17.61 21.09
C TRP A 344 -15.21 18.28 21.16
N LYS A 345 -14.21 17.58 21.72
CA LYS A 345 -12.84 18.08 21.85
C LYS A 345 -11.88 17.35 20.92
N PHE A 346 -11.11 18.10 20.10
CA PHE A 346 -10.15 17.59 19.13
C PHE A 346 -8.69 17.64 19.61
N TYR A 347 -7.91 16.62 19.26
CA TYR A 347 -6.50 16.47 19.60
C TYR A 347 -5.79 16.09 18.33
N ASP A 348 -4.73 16.82 18.00
CA ASP A 348 -3.98 16.66 16.78
C ASP A 348 -2.90 15.62 16.92
N ALA A 349 -2.93 14.65 16.03
CA ALA A 349 -1.92 13.62 15.98
C ALA A 349 -1.91 13.13 14.55
N GLN A 350 -0.85 13.37 13.82
CA GLN A 350 -0.72 12.93 12.44
C GLN A 350 -0.65 11.39 12.36
N PRO A 351 -0.89 10.77 11.17
CA PRO A 351 -0.76 9.32 11.06
C PRO A 351 0.68 8.91 11.34
N CYS A 352 0.87 7.96 12.25
CA CYS A 352 2.19 7.46 12.58
C CYS A 352 2.55 6.44 11.52
N SER A 353 3.65 6.63 10.84
CA SER A 353 4.09 5.71 9.79
C SER A 353 5.16 4.73 10.26
N ASP A 354 5.85 5.03 11.36
CA ASP A 354 6.91 4.18 11.86
C ASP A 354 6.31 3.19 12.87
N LYS A 355 6.28 3.51 14.17
CA LYS A 355 5.70 2.64 15.18
C LYS A 355 4.44 3.32 15.72
N ALA A 356 3.50 2.50 16.24
CA ALA A 356 2.24 3.00 16.81
C ALA A 356 2.53 3.91 17.98
N TYR A 357 1.73 4.95 18.15
CA TYR A 357 1.89 5.88 19.26
C TYR A 357 1.75 5.18 20.59
N LYS A 358 2.53 5.57 21.60
CA LYS A 358 2.37 5.08 22.95
C LYS A 358 1.20 5.91 23.49
N ILE A 359 0.22 5.28 24.15
CA ILE A 359 -0.91 6.02 24.70
C ILE A 359 -0.43 7.13 25.68
N GLU A 360 0.65 6.84 26.42
CA GLU A 360 1.22 7.72 27.42
C GLU A 360 1.76 8.99 26.80
N GLU A 361 2.46 8.86 25.65
CA GLU A 361 3.07 10.03 24.99
C GLU A 361 2.04 10.98 24.38
N LEU A 362 0.82 10.51 24.13
CA LEU A 362 -0.26 11.38 23.66
C LEU A 362 -0.75 12.36 24.77
N PHE A 363 -0.39 12.11 26.03
CA PHE A 363 -0.73 12.96 27.17
C PHE A 363 0.50 13.66 27.80
N TYR A 364 1.69 13.54 27.18
CA TYR A 364 2.89 14.17 27.69
C TYR A 364 2.80 15.65 27.39
N SER A 365 2.24 16.38 28.36
CA SER A 365 1.90 17.79 28.30
C SER A 365 2.93 18.70 28.89
N TYR A 366 4.16 18.22 29.08
CA TYR A 366 5.27 19.00 29.60
C TYR A 366 4.91 19.63 30.98
N ALA A 367 5.09 20.95 31.18
CA ALA A 367 4.85 21.59 32.47
C ALA A 367 3.39 21.88 32.81
N THR A 368 2.43 21.44 31.97
CA THR A 368 1.01 21.65 32.24
C THR A 368 0.24 20.33 32.37
N HIS A 369 -0.95 20.38 32.97
CA HIS A 369 -1.76 19.18 33.13
C HIS A 369 -2.41 18.81 31.79
N SER A 370 -2.46 17.52 31.50
CA SER A 370 -3.12 17.03 30.30
C SER A 370 -4.62 16.73 30.61
N ASP A 371 -5.41 16.50 29.57
CA ASP A 371 -6.82 16.22 29.72
C ASP A 371 -7.09 14.82 30.24
N LYS A 372 -8.17 14.68 31.00
CA LYS A 372 -8.57 13.40 31.52
C LYS A 372 -9.48 12.77 30.45
N PHE A 373 -9.03 11.68 29.85
CA PHE A 373 -9.83 10.97 28.86
C PHE A 373 -10.83 10.00 29.50
N THR A 374 -10.70 9.72 30.81
CA THR A 374 -11.58 8.83 31.59
C THR A 374 -13.03 9.30 31.60
N ASP A 375 -13.27 10.61 31.41
CA ASP A 375 -14.63 11.15 31.33
C ASP A 375 -15.06 11.04 29.86
N GLY A 376 -16.27 10.56 29.60
CA GLY A 376 -16.78 10.47 28.24
C GLY A 376 -16.25 9.32 27.40
N VAL A 377 -16.13 9.54 26.09
CA VAL A 377 -15.65 8.51 25.19
C VAL A 377 -14.49 9.02 24.27
N CYS A 378 -13.59 8.14 23.87
CA CYS A 378 -12.46 8.47 23.01
C CYS A 378 -12.74 7.92 21.64
N LEU A 379 -12.47 8.71 20.61
CA LEU A 379 -12.65 8.28 19.26
C LEU A 379 -11.28 8.25 18.65
N PHE A 380 -10.78 7.05 18.30
CA PHE A 380 -9.48 6.93 17.62
C PHE A 380 -9.79 6.42 16.22
N TRP A 381 -10.19 7.32 15.33
CA TRP A 381 -10.50 6.92 13.96
C TRP A 381 -9.22 6.99 13.14
N ASN A 382 -8.61 5.82 12.92
CA ASN A 382 -7.35 5.67 12.22
C ASN A 382 -6.17 6.29 12.96
N CYS A 383 -6.25 6.39 14.30
CA CYS A 383 -5.14 6.91 15.10
C CYS A 383 -4.55 5.71 15.81
N ASN A 384 -3.46 5.14 15.25
CA ASN A 384 -2.86 3.88 15.71
C ASN A 384 -2.05 3.98 17.01
N VAL A 385 -2.64 3.57 18.15
CA VAL A 385 -1.93 3.57 19.44
C VAL A 385 -1.63 2.12 19.91
N ASP A 386 -0.64 1.96 20.80
CA ASP A 386 -0.18 0.67 21.34
C ASP A 386 -1.21 -0.09 22.21
N ARG A 387 -2.11 0.64 22.88
CA ARG A 387 -3.12 0.09 23.77
C ARG A 387 -4.16 1.15 23.96
N TYR A 388 -5.36 0.90 23.46
CA TYR A 388 -6.44 1.85 23.57
C TYR A 388 -7.05 1.86 24.96
N PRO A 389 -7.47 3.05 25.43
CA PRO A 389 -8.23 3.12 26.69
C PRO A 389 -9.56 2.34 26.53
N ALA A 390 -10.07 1.77 27.62
CA ALA A 390 -11.31 1.00 27.62
C ALA A 390 -12.53 1.77 27.12
N ASN A 391 -12.57 3.12 27.30
CA ASN A 391 -13.73 3.91 26.85
C ASN A 391 -13.55 4.46 25.43
N SER A 392 -13.20 3.60 24.47
CA SER A 392 -12.94 4.05 23.11
C SER A 392 -13.82 3.43 22.03
N ILE A 393 -13.93 4.16 20.91
CA ILE A 393 -14.52 3.79 19.62
C ILE A 393 -13.30 3.81 18.71
N VAL A 394 -13.01 2.71 17.99
CA VAL A 394 -11.77 2.61 17.23
C VAL A 394 -11.89 2.03 15.82
N CYS A 395 -11.25 2.68 14.85
CA CYS A 395 -11.07 2.18 13.50
C CYS A 395 -9.55 1.99 13.31
N ARG A 396 -9.12 0.75 13.12
CA ARG A 396 -7.72 0.44 12.97
C ARG A 396 -7.51 -0.40 11.72
N PHE A 397 -6.72 0.09 10.75
CA PHE A 397 -6.44 -0.60 9.51
C PHE A 397 -5.62 -1.88 9.74
N ASP A 398 -6.13 -3.02 9.26
CA ASP A 398 -5.41 -4.28 9.37
C ASP A 398 -4.40 -4.33 8.22
N THR A 399 -3.13 -4.22 8.56
CA THR A 399 -2.05 -4.23 7.59
C THR A 399 -1.87 -5.57 6.89
N ARG A 400 -2.36 -6.66 7.49
CA ARG A 400 -2.22 -7.99 6.87
C ARG A 400 -3.10 -8.23 5.66
N VAL A 401 -4.12 -7.39 5.45
CA VAL A 401 -5.07 -7.54 4.35
C VAL A 401 -4.41 -7.58 2.95
N LEU A 402 -4.91 -8.50 2.09
CA LEU A 402 -4.44 -8.60 0.69
C LEU A 402 -5.36 -7.77 -0.19
N SER A 403 -4.80 -6.78 -0.89
CA SER A 403 -5.58 -5.94 -1.81
C SER A 403 -4.65 -5.16 -2.73
N ASN A 404 -5.22 -4.61 -3.80
CA ASN A 404 -4.52 -3.75 -4.75
C ASN A 404 -4.18 -2.38 -4.15
N LEU A 405 -4.88 -1.97 -3.06
CA LEU A 405 -4.58 -0.70 -2.40
C LEU A 405 -3.40 -0.82 -1.41
N ASN A 406 -3.28 -1.99 -0.78
CA ASN A 406 -2.27 -2.30 0.23
C ASN A 406 -1.04 -2.97 -0.38
N LEU A 407 0.11 -2.33 -0.24
CA LEU A 407 1.39 -2.86 -0.70
C LEU A 407 2.22 -3.28 0.53
N PRO A 408 3.03 -4.36 0.39
CA PRO A 408 3.88 -4.79 1.51
C PRO A 408 4.78 -3.66 2.02
N GLY A 409 4.91 -3.55 3.34
CA GLY A 409 5.72 -2.50 3.92
C GLY A 409 6.96 -2.95 4.65
N CYS A 410 7.37 -2.11 5.61
N CYS A 410 7.39 -2.11 5.62
CA CYS A 410 8.58 -2.24 6.42
CA CYS A 410 8.58 -2.35 6.45
C CYS A 410 8.27 -2.66 7.87
C CYS A 410 8.18 -2.80 7.82
N ASP A 411 9.00 -3.68 8.40
CA ASP A 411 8.82 -4.19 9.76
C ASP A 411 7.38 -4.63 10.11
N GLY A 412 6.77 -5.40 9.23
CA GLY A 412 5.40 -5.88 9.45
C GLY A 412 4.28 -4.95 9.02
N GLY A 413 4.58 -3.66 8.89
CA GLY A 413 3.59 -2.68 8.48
C GLY A 413 3.32 -2.75 6.99
N SER A 414 2.40 -1.91 6.50
CA SER A 414 2.07 -1.91 5.08
C SER A 414 1.88 -0.50 4.54
N LEU A 415 1.98 -0.35 3.22
CA LEU A 415 1.82 0.93 2.59
C LEU A 415 0.44 0.99 1.97
N TYR A 416 -0.51 1.66 2.65
CA TYR A 416 -1.88 1.76 2.15
C TYR A 416 -1.96 2.93 1.18
N VAL A 417 -2.25 2.65 -0.10
CA VAL A 417 -2.30 3.72 -1.10
C VAL A 417 -3.73 3.94 -1.63
N ASN A 418 -4.39 4.98 -1.12
CA ASN A 418 -5.74 5.39 -1.47
C ASN A 418 -5.70 6.92 -1.48
N LYS A 419 -5.50 7.54 -2.67
CA LYS A 419 -5.32 8.99 -2.92
C LYS A 419 -3.92 9.40 -2.43
N HIS A 420 -3.56 8.97 -1.25
CA HIS A 420 -2.26 9.23 -0.66
C HIS A 420 -1.64 7.92 -0.19
N ALA A 421 -0.32 7.92 0.08
CA ALA A 421 0.35 6.72 0.58
C ALA A 421 0.51 6.88 2.08
N PHE A 422 0.07 5.90 2.84
CA PHE A 422 0.18 5.94 4.29
C PHE A 422 0.86 4.67 4.73
N HIS A 423 2.11 4.75 5.20
CA HIS A 423 2.74 3.55 5.74
C HIS A 423 2.15 3.39 7.13
N THR A 424 1.59 2.21 7.43
CA THR A 424 0.90 1.96 8.67
C THR A 424 1.68 0.93 9.48
N PRO A 425 1.83 1.13 10.80
CA PRO A 425 2.53 0.12 11.62
C PRO A 425 1.81 -1.22 11.63
N ALA A 426 2.54 -2.31 11.89
CA ALA A 426 1.98 -3.65 11.93
C ALA A 426 0.76 -3.75 12.83
N PHE A 427 -0.30 -4.43 12.34
CA PHE A 427 -1.50 -4.64 13.13
C PHE A 427 -1.12 -5.55 14.33
N ASP A 428 -1.66 -5.20 15.51
CA ASP A 428 -1.34 -5.87 16.75
C ASP A 428 -2.61 -6.05 17.55
N LYS A 429 -3.10 -7.30 17.65
CA LYS A 429 -4.35 -7.66 18.35
C LYS A 429 -4.38 -7.25 19.80
N SER A 430 -3.21 -7.18 20.45
CA SER A 430 -3.07 -6.78 21.84
C SER A 430 -3.39 -5.29 22.08
N ALA A 431 -3.41 -4.45 21.02
CA ALA A 431 -3.77 -3.03 21.20
C ALA A 431 -5.25 -2.89 21.63
N PHE A 432 -6.07 -3.90 21.34
CA PHE A 432 -7.49 -3.91 21.59
C PHE A 432 -7.92 -4.75 22.81
N VAL A 433 -7.02 -5.02 23.79
CA VAL A 433 -7.40 -5.85 24.95
C VAL A 433 -8.51 -5.28 25.80
N ASN A 434 -8.60 -3.94 25.94
CA ASN A 434 -9.68 -3.33 26.75
C ASN A 434 -11.00 -3.11 25.99
N LEU A 435 -11.04 -3.49 24.72
CA LEU A 435 -12.19 -3.31 23.84
C LEU A 435 -12.69 -4.67 23.31
N LYS A 436 -13.80 -4.65 22.56
CA LYS A 436 -14.36 -5.81 21.91
C LYS A 436 -14.59 -5.47 20.43
N GLN A 437 -14.69 -6.49 19.57
CA GLN A 437 -14.96 -6.27 18.14
C GLN A 437 -16.38 -5.68 18.04
N LEU A 438 -16.54 -4.56 17.34
CA LEU A 438 -17.84 -3.91 17.23
C LEU A 438 -18.73 -4.75 16.29
N PRO A 439 -19.91 -5.15 16.76
CA PRO A 439 -20.81 -5.92 15.88
C PRO A 439 -21.47 -5.04 14.82
N PHE A 440 -21.86 -5.64 13.69
CA PHE A 440 -22.61 -4.90 12.67
C PHE A 440 -24.01 -4.61 13.24
N PHE A 441 -24.51 -3.43 12.89
CA PHE A 441 -25.85 -2.97 13.17
C PHE A 441 -26.09 -1.77 12.25
N TYR A 442 -27.35 -1.48 12.03
CA TYR A 442 -27.78 -0.31 11.29
C TYR A 442 -28.76 0.39 12.22
N TYR A 443 -28.66 1.69 12.39
CA TYR A 443 -29.61 2.45 13.20
C TYR A 443 -30.16 3.60 12.38
N SER A 444 -31.46 3.84 12.49
CA SER A 444 -32.10 4.96 11.84
C SER A 444 -33.30 5.48 12.62
N ASP A 445 -33.26 6.76 12.93
CA ASP A 445 -34.34 7.51 13.54
C ASP A 445 -35.15 8.29 12.43
N SER A 446 -34.71 8.24 11.15
CA SER A 446 -35.37 8.93 10.04
C SER A 446 -36.80 8.43 9.84
N PRO A 447 -37.71 9.28 9.33
CA PRO A 447 -39.10 8.83 9.15
C PRO A 447 -39.24 7.71 8.14
N CYS A 448 -40.26 6.87 8.33
CA CYS A 448 -40.56 5.77 7.43
C CYS A 448 -41.32 6.38 6.27
N GLU A 449 -40.59 6.83 5.25
CA GLU A 449 -41.14 7.50 4.09
C GLU A 449 -40.32 7.08 2.86
N SER A 450 -40.97 6.38 1.92
CA SER A 450 -40.44 5.77 0.70
C SER A 450 -39.70 6.75 -0.27
N HIS A 451 -40.43 7.56 -1.08
CA HIS A 451 -39.87 8.47 -2.10
C HIS A 451 -39.13 7.70 -3.20
N GLY A 452 -39.83 7.38 -4.28
CA GLY A 452 -39.26 6.63 -5.39
C GLY A 452 -39.79 7.02 -6.76
N ILE A 459 -35.55 -0.66 -9.36
CA ILE A 459 -35.21 -1.34 -8.12
C ILE A 459 -36.43 -2.05 -7.51
N ASP A 460 -36.52 -3.38 -7.65
CA ASP A 460 -37.63 -4.14 -7.06
C ASP A 460 -37.35 -4.53 -5.58
N TYR A 461 -38.38 -5.00 -4.83
CA TYR A 461 -38.22 -5.23 -3.38
C TYR A 461 -38.56 -6.63 -2.83
N VAL A 462 -37.72 -7.10 -1.88
CA VAL A 462 -37.92 -8.35 -1.12
C VAL A 462 -38.02 -7.93 0.36
N PRO A 463 -39.06 -8.37 1.10
CA PRO A 463 -39.19 -7.93 2.50
C PRO A 463 -37.98 -8.22 3.37
N LEU A 464 -37.56 -7.23 4.20
CA LEU A 464 -36.38 -7.41 5.04
C LEU A 464 -36.73 -7.92 6.42
N LYS A 465 -35.98 -8.92 6.85
CA LYS A 465 -36.09 -9.49 8.18
C LYS A 465 -34.70 -9.49 8.77
N SER A 466 -34.45 -8.66 9.80
CA SER A 466 -33.13 -8.63 10.44
C SER A 466 -33.23 -8.13 11.84
N ALA A 467 -32.49 -8.76 12.76
CA ALA A 467 -32.44 -8.32 14.15
C ALA A 467 -31.56 -7.04 14.33
N THR A 468 -30.67 -6.76 13.37
CA THR A 468 -29.73 -5.66 13.44
C THR A 468 -30.21 -4.38 12.69
N CYS A 469 -31.44 -4.37 12.15
CA CYS A 469 -32.03 -3.19 11.56
C CYS A 469 -32.72 -2.48 12.73
N ILE A 470 -32.08 -1.51 13.34
CA ILE A 470 -32.65 -0.81 14.49
C ILE A 470 -33.42 0.42 14.01
N THR A 471 -34.74 0.22 13.76
CA THR A 471 -35.65 1.26 13.27
C THR A 471 -37.01 1.19 13.99
N ARG A 472 -37.84 2.27 13.87
CA ARG A 472 -39.19 2.28 14.49
C ARG A 472 -40.08 1.21 13.92
N CYS A 473 -39.96 0.97 12.63
CA CYS A 473 -40.73 -0.02 11.89
C CYS A 473 -40.38 -1.42 12.33
N ASN A 474 -39.11 -1.70 12.60
CA ASN A 474 -38.68 -3.03 13.05
C ASN A 474 -39.12 -3.30 14.49
N LEU A 475 -39.10 -2.25 15.33
CA LEU A 475 -39.60 -2.27 16.68
C LEU A 475 -41.11 -2.59 16.60
N GLY A 476 -41.82 -1.86 15.73
CA GLY A 476 -43.25 -2.03 15.51
C GLY A 476 -43.70 -3.24 14.72
N GLY A 477 -42.78 -4.14 14.39
CA GLY A 477 -43.14 -5.38 13.71
C GLY A 477 -42.63 -5.68 12.32
N ALA A 478 -42.63 -4.71 11.41
CA ALA A 478 -42.23 -4.95 10.02
C ALA A 478 -41.41 -3.81 9.35
N VAL A 479 -40.22 -4.10 8.85
CA VAL A 479 -39.36 -3.09 8.23
C VAL A 479 -40.00 -2.47 6.96
N CYS A 480 -40.08 -1.12 6.91
CA CYS A 480 -40.61 -0.40 5.76
C CYS A 480 -39.62 -0.44 4.60
N ARG A 481 -40.10 -0.23 3.36
CA ARG A 481 -39.29 -0.30 2.14
C ARG A 481 -38.07 0.65 2.16
N HIS A 482 -38.23 1.88 2.71
CA HIS A 482 -37.15 2.86 2.78
C HIS A 482 -35.99 2.38 3.66
N HIS A 483 -36.30 1.94 4.87
CA HIS A 483 -35.29 1.48 5.80
C HIS A 483 -34.67 0.16 5.36
N ALA A 484 -35.38 -0.65 4.57
CA ALA A 484 -34.86 -1.90 4.04
C ALA A 484 -33.85 -1.60 2.93
N ASN A 485 -34.11 -0.58 2.09
CA ASN A 485 -33.16 -0.17 1.03
C ASN A 485 -31.91 0.42 1.64
N GLU A 486 -32.09 1.26 2.67
CA GLU A 486 -31.02 1.94 3.39
C GLU A 486 -30.20 0.97 4.22
N TYR A 487 -30.82 -0.08 4.77
CA TYR A 487 -30.12 -1.08 5.56
C TYR A 487 -29.19 -1.86 4.62
N ARG A 488 -29.71 -2.28 3.44
CA ARG A 488 -28.94 -3.05 2.47
C ARG A 488 -27.81 -2.25 1.89
N LEU A 489 -28.02 -0.93 1.67
CA LEU A 489 -26.95 -0.06 1.18
C LEU A 489 -25.88 0.08 2.24
N TYR A 490 -26.29 0.26 3.53
CA TYR A 490 -25.36 0.39 4.63
C TYR A 490 -24.57 -0.90 4.87
N LEU A 491 -25.20 -2.06 4.70
CA LEU A 491 -24.52 -3.34 4.83
C LEU A 491 -23.45 -3.47 3.73
N ASP A 492 -23.76 -3.00 2.51
CA ASP A 492 -22.77 -3.00 1.42
C ASP A 492 -21.59 -2.11 1.75
N ALA A 493 -21.83 -0.88 2.25
CA ALA A 493 -20.74 0.03 2.62
C ALA A 493 -19.92 -0.54 3.78
N TYR A 494 -20.56 -1.17 4.75
CA TYR A 494 -19.90 -1.80 5.86
C TYR A 494 -18.94 -2.90 5.39
N ASN A 495 -19.42 -3.80 4.52
CA ASN A 495 -18.64 -4.89 3.94
C ASN A 495 -17.51 -4.37 3.02
N MET A 496 -17.74 -3.23 2.36
CA MET A 496 -16.76 -2.62 1.50
C MET A 496 -15.54 -2.19 2.36
N MET A 497 -15.82 -1.55 3.50
CA MET A 497 -14.81 -1.05 4.41
C MET A 497 -14.08 -2.18 5.16
N ILE A 498 -14.82 -3.22 5.58
CA ILE A 498 -14.21 -4.34 6.30
C ILE A 498 -13.28 -5.11 5.35
N SER A 499 -13.74 -5.36 4.13
CA SER A 499 -12.95 -6.09 3.14
C SER A 499 -11.73 -5.26 2.64
N ALA A 500 -11.84 -3.91 2.67
CA ALA A 500 -10.72 -3.04 2.34
C ALA A 500 -9.60 -3.08 3.42
N GLY A 501 -9.81 -3.79 4.52
CA GLY A 501 -8.81 -3.92 5.58
C GLY A 501 -9.13 -3.26 6.91
N PHE A 502 -10.18 -2.44 7.02
CA PHE A 502 -10.46 -1.74 8.27
C PHE A 502 -11.09 -2.61 9.30
N SER A 503 -10.80 -2.35 10.57
CA SER A 503 -11.36 -3.12 11.67
C SER A 503 -11.91 -2.17 12.72
N LEU A 504 -13.12 -2.47 13.22
CA LEU A 504 -13.86 -1.65 14.19
C LEU A 504 -13.92 -2.31 15.55
N TRP A 505 -13.65 -1.52 16.57
CA TRP A 505 -13.60 -1.96 17.94
C TRP A 505 -14.34 -0.94 18.81
N VAL A 506 -14.91 -1.39 19.93
CA VAL A 506 -15.69 -0.50 20.79
C VAL A 506 -15.57 -0.92 22.25
N TYR A 507 -15.89 0.02 23.17
CA TYR A 507 -15.93 -0.25 24.62
C TYR A 507 -16.92 -1.42 24.89
N LYS A 508 -16.54 -2.34 25.80
CA LYS A 508 -17.29 -3.55 26.14
C LYS A 508 -18.76 -3.34 26.58
N GLN A 509 -19.07 -2.19 27.18
CA GLN A 509 -20.43 -1.91 27.60
C GLN A 509 -21.35 -1.51 26.45
N PHE A 510 -20.82 -1.34 25.22
CA PHE A 510 -21.64 -0.97 24.06
C PHE A 510 -22.69 -2.04 23.77
N ASP A 511 -23.95 -1.63 23.75
CA ASP A 511 -25.08 -2.53 23.55
C ASP A 511 -26.12 -1.90 22.63
N THR A 512 -26.43 -2.57 21.50
CA THR A 512 -27.46 -2.04 20.59
C THR A 512 -28.87 -2.14 21.17
N TYR A 513 -29.06 -2.94 22.22
CA TYR A 513 -30.34 -3.05 22.91
C TYR A 513 -30.76 -1.69 23.47
N ASN A 514 -29.78 -0.87 23.90
CA ASN A 514 -29.99 0.49 24.42
C ASN A 514 -30.52 1.48 23.35
N LEU A 515 -30.37 1.15 22.07
CA LEU A 515 -30.86 2.00 21.00
C LEU A 515 -32.37 1.94 20.78
N TRP A 516 -33.03 0.80 21.08
CA TRP A 516 -34.46 0.67 20.85
C TRP A 516 -35.33 1.68 21.62
N ASN A 517 -34.89 2.08 22.84
CA ASN A 517 -35.63 3.08 23.64
C ASN A 517 -35.44 4.53 23.17
N THR A 518 -34.66 4.77 22.10
CA THR A 518 -34.57 6.11 21.50
C THR A 518 -35.80 6.39 20.56
N PHE A 519 -36.81 5.48 20.57
CA PHE A 519 -38.09 5.51 19.88
C PHE A 519 -39.14 5.21 21.00
N THR A 520 -39.56 6.24 21.76
CA THR A 520 -40.51 6.01 22.87
C THR A 520 -41.55 7.15 23.02
ZN ZN B . 12.21 -5.39 5.73
ZN ZN C . -39.04 2.40 8.56
ZN ZN D . -3.67 -3.82 -23.45
P PO4 E . 1.45 4.44 -11.55
O1 PO4 E . 0.48 3.80 -12.61
O2 PO4 E . 0.75 4.52 -10.12
O3 PO4 E . 1.78 5.92 -12.05
O4 PO4 E . 2.76 3.56 -11.40
P PO4 F . -31.15 7.21 6.71
O1 PO4 F . -31.64 7.15 8.23
O2 PO4 F . -32.35 7.50 5.74
O3 PO4 F . -30.44 5.82 6.36
O4 PO4 F . -30.08 8.38 6.57
N1 O2A G . -3.53 15.21 25.28
C4 O2A G . -3.01 18.50 26.78
C5 O2A G . -2.16 19.59 26.80
C6 O2A G . -0.93 19.54 26.21
C7 O2A G . -0.50 18.35 25.60
C8 O2A G . 0.69 17.95 24.92
C10 O2A G . -1.38 17.25 25.55
C1 O2A G . -4.59 14.24 25.11
C2 O2A G . -3.64 16.20 26.16
O1 O2A G . -4.58 16.26 26.95
C3 O2A G . -2.66 17.30 26.14
C9 O2A G . 0.50 16.67 24.50
N2 O2A G . -0.76 16.25 24.85
#